data_6C63
#
_entry.id   6C63
#
_cell.length_a   36.831
_cell.length_b   182.412
_cell.length_c   107.494
_cell.angle_alpha   90.000
_cell.angle_beta   90.000
_cell.angle_gamma   90.000
#
_symmetry.space_group_name_H-M   'C 2 2 21'
#
loop_
_entity.id
_entity.type
_entity.pdbx_description
1 polymer 'RNA (36-MER)'
2 polymer 'RNA (32-MER)'
3 non-polymer 4-[(3-{2-[(2-methoxyethyl)amino]-2-oxoethyl}-1,3-benzothiazol-3-ium-2-yl)methyl]-1-methylquinolin-1-ium
4 non-polymer 'POTASSIUM ION'
#
loop_
_entity_poly.entity_id
_entity_poly.type
_entity_poly.pdbx_seq_one_letter_code
_entity_poly.pdbx_strand_id
1 'polyribonucleotide' GCGUACGAAGGAGAGGAGAGGAAGAGGAGAGUACGC A,B
2 'polyribonucleotide' GUACGAAGGAGAGGAGAGGAAGAGGAGAGUAC C
#